data_7ZHD
#
_entry.id   7ZHD
#
_cell.length_a   104.640
_cell.length_b   40.850
_cell.length_c   44.810
_cell.angle_alpha   90.000
_cell.angle_beta   91.640
_cell.angle_gamma   90.000
#
_symmetry.space_group_name_H-M   'C 1 2 1'
#
loop_
_entity.id
_entity.type
_entity.pdbx_description
1 polymer 'Transcription activator effector binding'
2 non-polymer ~{N}-[3-[[3-[3-[3-[3-[(4-hydroxyphenyl)carbothioylamino]propanethioylamino]propanethioylamino]propylamino]-3-sulfanylidene-propyl]amino]-3-sulfanylidene-propyl]-4-oxidanyl-benzenecarbothioamide
3 non-polymer 'ZINC ION'
4 non-polymer 'SODIUM ION'
5 non-polymer 2-AMINO-2-HYDROXYMETHYL-PROPANE-1,3-DIOL
6 water water
#
_entity_poly.entity_id   1
_entity_poly.type   'polypeptide(L)'
_entity_poly.pdbx_seq_one_letter_code
;GSHMASMNYEIEVKDVEPIRVAFMHYKGPAAGASKVMPNVFKSIQGKANGAPFICYYVMDQQTMTGEMDLCVPTAENPVG
NGIAVKDMPRIKAISATHIGPYETMQPVYEAIESYAREKNLILQPPFREVFIKGPGMILKGNPNKYITEVLFPIKEE
;
_entity_poly.pdbx_strand_id   A
#
# COMPACT_ATOMS: atom_id res chain seq x y z
N ASN A 8 -11.52 2.64 -16.15
CA ASN A 8 -12.45 2.29 -15.03
C ASN A 8 -11.64 1.64 -13.90
N TYR A 9 -11.54 2.32 -12.75
CA TYR A 9 -10.72 1.89 -11.58
C TYR A 9 -11.63 1.34 -10.46
N GLU A 10 -12.91 1.09 -10.76
CA GLU A 10 -13.89 0.52 -9.81
C GLU A 10 -13.86 1.35 -8.52
N ILE A 11 -13.94 2.68 -8.64
CA ILE A 11 -13.75 3.62 -7.51
C ILE A 11 -15.00 3.55 -6.61
N GLU A 12 -14.78 3.34 -5.31
CA GLU A 12 -15.85 3.35 -4.27
C GLU A 12 -15.23 3.77 -2.94
N VAL A 13 -16.07 4.08 -1.96
CA VAL A 13 -15.64 4.45 -0.58
C VAL A 13 -15.79 3.19 0.29
N LYS A 14 -14.73 2.82 0.99
CA LYS A 14 -14.68 1.58 1.81
C LYS A 14 -14.44 1.93 3.27
N ASP A 15 -15.08 1.17 4.15
CA ASP A 15 -14.84 1.16 5.62
C ASP A 15 -13.77 0.10 5.87
N VAL A 16 -12.50 0.52 5.90
CA VAL A 16 -11.31 -0.38 6.01
C VAL A 16 -10.97 -0.51 7.50
N GLU A 17 -11.13 -1.71 8.05
CA GLU A 17 -10.97 -1.99 9.49
C GLU A 17 -9.49 -1.93 9.87
N PRO A 18 -9.18 -1.77 11.18
CA PRO A 18 -7.79 -1.72 11.64
C PRO A 18 -7.05 -3.02 11.27
N ILE A 19 -5.76 -2.92 11.01
CA ILE A 19 -4.90 -4.06 10.58
C ILE A 19 -3.64 -4.04 11.45
N ARG A 20 -3.37 -5.14 12.15
CA ARG A 20 -2.07 -5.36 12.84
C ARG A 20 -1.05 -5.80 11.78
N VAL A 21 0.07 -5.07 11.66
CA VAL A 21 1.10 -5.34 10.64
C VAL A 21 2.48 -5.48 11.30
N ALA A 22 3.30 -6.37 10.76
CA ALA A 22 4.77 -6.28 10.81
C ALA A 22 5.19 -5.26 9.76
N PHE A 23 6.17 -4.42 10.04
CA PHE A 23 6.57 -3.34 9.12
C PHE A 23 8.03 -2.97 9.31
N MET A 24 8.62 -2.38 8.28
CA MET A 24 9.87 -1.58 8.43
C MET A 24 9.68 -0.24 7.74
N HIS A 25 10.28 0.79 8.32
CA HIS A 25 10.36 2.14 7.72
C HIS A 25 11.31 2.10 6.52
N TYR A 26 10.93 2.75 5.43
CA TYR A 26 11.72 2.84 4.18
C TYR A 26 11.71 4.29 3.68
N LYS A 27 12.89 4.84 3.43
CA LYS A 27 13.06 6.18 2.78
C LYS A 27 13.81 5.98 1.46
N GLY A 28 13.21 6.41 0.35
CA GLY A 28 13.82 6.32 -0.99
C GLY A 28 12.75 6.14 -2.07
N PRO A 29 13.15 5.73 -3.30
CA PRO A 29 12.21 5.55 -4.39
C PRO A 29 11.26 4.38 -4.11
N ALA A 30 9.96 4.59 -4.33
CA ALA A 30 8.90 3.58 -4.07
C ALA A 30 9.24 2.27 -4.79
N ALA A 31 9.72 2.35 -6.04
CA ALA A 31 10.11 1.20 -6.89
C ALA A 31 11.09 0.29 -6.13
N GLY A 32 12.01 0.88 -5.37
CA GLY A 32 13.06 0.17 -4.62
C GLY A 32 12.54 -0.53 -3.37
N ALA A 33 11.29 -0.28 -2.95
CA ALA A 33 10.67 -0.89 -1.75
C ALA A 33 10.54 -2.41 -1.94
N SER A 34 10.34 -2.86 -3.18
CA SER A 34 10.05 -4.29 -3.52
C SER A 34 11.24 -5.17 -3.14
N LYS A 35 12.46 -4.62 -3.15
CA LYS A 35 13.72 -5.32 -2.77
C LYS A 35 13.80 -5.49 -1.26
N VAL A 36 13.12 -4.62 -0.50
CA VAL A 36 13.21 -4.48 0.99
C VAL A 36 12.05 -5.23 1.65
N MET A 37 10.86 -5.24 1.03
CA MET A 37 9.61 -5.88 1.55
C MET A 37 9.87 -7.33 1.97
N PRO A 38 10.67 -8.14 1.23
CA PRO A 38 10.92 -9.53 1.62
C PRO A 38 11.40 -9.69 3.08
N ASN A 39 12.16 -8.71 3.60
CA ASN A 39 12.70 -8.70 4.98
C ASN A 39 11.54 -8.76 5.99
N VAL A 40 10.39 -8.16 5.65
CA VAL A 40 9.21 -8.16 6.58
C VAL A 40 8.62 -9.58 6.61
N PHE A 41 8.40 -10.20 5.44
CA PHE A 41 7.88 -11.59 5.30
C PHE A 41 8.81 -12.57 6.03
N LYS A 42 10.13 -12.43 5.84
CA LYS A 42 11.15 -13.33 6.46
C LYS A 42 11.07 -13.23 7.98
N SER A 43 10.81 -12.05 8.53
CA SER A 43 10.78 -11.76 9.99
C SER A 43 9.61 -12.49 10.67
N ILE A 44 8.58 -12.89 9.93
CA ILE A 44 7.36 -13.57 10.47
C ILE A 44 7.24 -14.97 9.86
N GLN A 45 8.32 -15.48 9.25
CA GLN A 45 8.36 -16.80 8.57
C GLN A 45 7.19 -16.90 7.57
N GLY A 46 6.88 -15.79 6.89
CA GLY A 46 5.89 -15.71 5.78
C GLY A 46 4.45 -15.90 6.24
N LYS A 47 4.19 -15.80 7.56
CA LYS A 47 2.87 -16.10 8.17
C LYS A 47 2.02 -14.82 8.15
N ALA A 48 1.70 -14.34 6.95
CA ALA A 48 0.81 -13.18 6.72
C ALA A 48 -0.66 -13.63 6.84
N ASN A 49 -1.55 -12.73 7.26
CA ASN A 49 -3.02 -12.98 7.34
C ASN A 49 -3.74 -11.89 6.54
N GLY A 50 -3.06 -11.31 5.55
CA GLY A 50 -3.61 -10.28 4.65
C GLY A 50 -2.60 -9.91 3.56
N ALA A 51 -3.05 -9.17 2.55
CA ALA A 51 -2.21 -8.70 1.43
C ALA A 51 -1.20 -7.68 1.95
N PRO A 52 0.08 -7.72 1.50
CA PRO A 52 1.07 -6.72 1.89
C PRO A 52 0.73 -5.38 1.25
N PHE A 53 1.16 -4.29 1.87
CA PHE A 53 0.87 -2.91 1.38
C PHE A 53 1.95 -1.95 1.85
N ILE A 54 2.07 -0.83 1.13
CA ILE A 54 2.90 0.33 1.56
C ILE A 54 1.95 1.41 2.07
N CYS A 55 2.27 1.95 3.24
CA CYS A 55 1.63 3.18 3.80
C CYS A 55 2.58 4.35 3.52
N TYR A 56 2.14 5.26 2.63
CA TYR A 56 2.93 6.42 2.15
C TYR A 56 2.66 7.64 3.03
N TYR A 57 3.65 8.08 3.80
CA TYR A 57 3.54 9.22 4.75
C TYR A 57 3.95 10.53 4.04
N VAL A 58 5.09 10.51 3.36
CA VAL A 58 5.62 11.64 2.56
C VAL A 58 5.98 11.08 1.19
N MET A 59 5.37 11.60 0.11
CA MET A 59 5.62 11.11 -1.27
C MET A 59 5.57 12.29 -2.24
N ASP A 60 6.35 12.19 -3.31
CA ASP A 60 6.32 13.13 -4.46
C ASP A 60 5.92 12.34 -5.71
N GLN A 61 4.85 12.76 -6.39
CA GLN A 61 4.26 12.06 -7.57
C GLN A 61 5.30 12.01 -8.71
N GLN A 62 6.12 13.06 -8.85
CA GLN A 62 7.08 13.23 -9.98
C GLN A 62 8.33 12.38 -9.73
N THR A 63 8.92 12.45 -8.54
CA THR A 63 10.17 11.74 -8.17
C THR A 63 9.85 10.32 -7.71
N MET A 64 8.60 10.05 -7.30
CA MET A 64 8.13 8.73 -6.82
C MET A 64 9.06 8.26 -5.69
N THR A 65 9.50 9.21 -4.86
CA THR A 65 10.46 9.04 -3.74
C THR A 65 9.85 9.67 -2.48
N GLY A 66 10.11 9.08 -1.30
CA GLY A 66 9.62 9.63 -0.03
C GLY A 66 9.85 8.69 1.14
N GLU A 67 8.98 8.78 2.15
CA GLU A 67 9.05 8.03 3.42
C GLU A 67 7.77 7.23 3.60
N MET A 68 7.90 5.94 3.90
CA MET A 68 6.76 4.99 3.85
C MET A 68 7.07 3.80 4.76
N ASP A 69 6.03 3.10 5.19
CA ASP A 69 6.15 1.82 5.93
C ASP A 69 5.80 0.67 4.98
N LEU A 70 6.66 -0.35 4.93
CA LEU A 70 6.43 -1.61 4.19
C LEU A 70 5.75 -2.59 5.15
N CYS A 71 4.48 -2.90 4.90
CA CYS A 71 3.57 -3.55 5.89
C CYS A 71 3.11 -4.91 5.40
N VAL A 72 3.15 -5.91 6.29
CA VAL A 72 2.54 -7.26 6.06
C VAL A 72 1.59 -7.53 7.22
N PRO A 73 0.27 -7.66 6.95
CA PRO A 73 -0.69 -8.06 7.98
C PRO A 73 -0.27 -9.40 8.60
N THR A 74 -0.25 -9.49 9.92
CA THR A 74 0.18 -10.71 10.65
C THR A 74 -0.30 -10.71 12.10
N ALA A 75 -0.49 -11.90 12.67
CA ALA A 75 -0.73 -12.15 14.11
C ALA A 75 0.60 -12.50 14.80
N GLU A 76 1.68 -12.66 14.03
CA GLU A 76 3.01 -13.13 14.52
C GLU A 76 3.78 -11.97 15.14
N ASN A 77 4.78 -12.29 15.98
CA ASN A 77 5.75 -11.32 16.53
C ASN A 77 7.01 -11.38 15.68
N PRO A 78 7.31 -10.33 14.87
CA PRO A 78 8.44 -10.36 13.95
C PRO A 78 9.78 -10.41 14.69
N VAL A 79 10.72 -11.21 14.16
CA VAL A 79 12.14 -11.26 14.58
C VAL A 79 13.00 -10.89 13.37
N GLY A 80 13.48 -9.65 13.32
CA GLY A 80 14.31 -9.11 12.22
C GLY A 80 14.76 -7.69 12.50
N ASN A 81 15.93 -7.32 11.98
CA ASN A 81 16.53 -5.97 12.16
C ASN A 81 15.58 -4.91 11.61
N GLY A 82 15.18 -3.96 12.44
CA GLY A 82 14.36 -2.80 12.05
C GLY A 82 12.92 -3.17 11.73
N ILE A 83 12.49 -4.40 12.03
CA ILE A 83 11.06 -4.84 11.89
C ILE A 83 10.38 -4.72 13.25
N ALA A 84 9.23 -4.06 13.29
CA ALA A 84 8.39 -3.89 14.49
C ALA A 84 6.91 -4.08 14.11
N VAL A 85 6.00 -3.81 15.04
CA VAL A 85 4.54 -3.99 14.86
C VAL A 85 3.86 -2.63 14.97
N LYS A 86 2.95 -2.33 14.05
CA LYS A 86 2.04 -1.16 14.13
C LYS A 86 0.60 -1.67 14.04
N ASP A 87 -0.29 -1.12 14.86
CA ASP A 87 -1.77 -1.25 14.71
C ASP A 87 -2.20 -0.13 13.74
N MET A 88 -2.35 -0.47 12.46
CA MET A 88 -2.77 0.50 11.43
C MET A 88 -4.23 0.84 11.68
N PRO A 89 -4.59 2.15 11.73
CA PRO A 89 -5.93 2.55 12.14
C PRO A 89 -6.98 2.25 11.08
N ARG A 90 -8.24 2.15 11.51
CA ARG A 90 -9.41 2.13 10.61
C ARG A 90 -9.35 3.40 9.74
N ILE A 91 -9.62 3.26 8.44
CA ILE A 91 -9.74 4.42 7.51
C ILE A 91 -11.04 4.28 6.72
N LYS A 92 -11.79 5.38 6.63
CA LYS A 92 -12.83 5.54 5.58
C LYS A 92 -12.10 6.08 4.35
N ALA A 93 -12.06 5.30 3.27
CA ALA A 93 -11.07 5.50 2.19
C ALA A 93 -11.75 5.39 0.82
N ILE A 94 -11.31 6.23 -0.11
CA ILE A 94 -11.57 6.03 -1.57
C ILE A 94 -10.70 4.84 -1.98
N SER A 95 -11.33 3.79 -2.51
CA SER A 95 -10.68 2.57 -3.06
C SER A 95 -10.69 2.67 -4.59
N ALA A 96 -9.51 2.60 -5.22
CA ALA A 96 -9.34 2.48 -6.68
C ALA A 96 -8.46 1.26 -6.97
N THR A 97 -8.90 0.40 -7.88
CA THR A 97 -8.19 -0.85 -8.26
C THR A 97 -7.51 -0.65 -9.61
N HIS A 98 -6.19 -0.86 -9.65
CA HIS A 98 -5.33 -0.74 -10.86
C HIS A 98 -4.85 -2.13 -11.29
N ILE A 99 -5.09 -2.49 -12.54
CA ILE A 99 -4.58 -3.74 -13.18
C ILE A 99 -3.40 -3.35 -14.09
N GLY A 100 -2.22 -3.94 -13.86
CA GLY A 100 -1.02 -3.72 -14.70
C GLY A 100 0.19 -3.31 -13.86
N PRO A 101 1.32 -2.96 -14.52
CA PRO A 101 2.56 -2.65 -13.81
C PRO A 101 2.49 -1.35 -13.00
N TYR A 102 3.40 -1.19 -12.02
CA TYR A 102 3.41 -0.09 -11.03
C TYR A 102 3.76 1.25 -11.71
N GLU A 103 4.36 1.19 -12.90
CA GLU A 103 4.81 2.38 -13.68
C GLU A 103 3.61 3.14 -14.27
N THR A 104 2.41 2.52 -14.28
CA THR A 104 1.20 2.98 -15.01
C THR A 104 0.18 3.61 -14.05
N MET A 105 0.59 4.04 -12.85
CA MET A 105 -0.36 4.27 -11.72
C MET A 105 -0.63 5.76 -11.44
N GLN A 106 0.03 6.69 -12.11
CA GLN A 106 -0.26 8.13 -11.85
C GLN A 106 -1.73 8.40 -12.19
N PRO A 107 -2.28 7.91 -13.33
CA PRO A 107 -3.68 8.16 -13.66
C PRO A 107 -4.70 7.70 -12.60
N VAL A 108 -4.38 6.66 -11.81
CA VAL A 108 -5.26 6.15 -10.72
C VAL A 108 -5.46 7.27 -9.69
N TYR A 109 -4.37 7.96 -9.34
CA TYR A 109 -4.35 9.06 -8.35
C TYR A 109 -5.12 10.28 -8.88
N GLU A 110 -4.99 10.56 -10.17
CA GLU A 110 -5.74 11.65 -10.84
C GLU A 110 -7.24 11.36 -10.76
N ALA A 111 -7.63 10.09 -10.94
CA ALA A 111 -9.03 9.62 -10.88
C ALA A 111 -9.57 9.75 -9.45
N ILE A 112 -8.74 9.41 -8.45
CA ILE A 112 -9.11 9.56 -7.00
C ILE A 112 -9.32 11.04 -6.68
N GLU A 113 -8.39 11.91 -7.09
CA GLU A 113 -8.46 13.38 -6.85
C GLU A 113 -9.75 13.94 -7.46
N SER A 114 -10.06 13.58 -8.69
CA SER A 114 -11.27 14.02 -9.44
C SER A 114 -12.53 13.60 -8.68
N TYR A 115 -12.57 12.32 -8.27
CA TYR A 115 -13.70 11.69 -7.54
C TYR A 115 -13.93 12.42 -6.22
N ALA A 116 -12.84 12.69 -5.48
CA ALA A 116 -12.87 13.43 -4.20
C ALA A 116 -13.41 14.85 -4.41
N ARG A 117 -12.87 15.58 -5.39
CA ARG A 117 -13.26 16.97 -5.74
C ARG A 117 -14.76 17.02 -6.07
N GLU A 118 -15.25 16.06 -6.86
CA GLU A 118 -16.64 16.04 -7.38
C GLU A 118 -17.63 15.67 -6.27
N LYS A 119 -17.21 14.86 -5.30
CA LYS A 119 -18.10 14.39 -4.21
C LYS A 119 -17.89 15.21 -2.93
N ASN A 120 -17.09 16.26 -3.02
CA ASN A 120 -16.77 17.19 -1.92
C ASN A 120 -16.20 16.39 -0.73
N LEU A 121 -15.31 15.44 -1.04
CA LEU A 121 -14.53 14.67 -0.05
C LEU A 121 -13.14 15.30 0.07
N ILE A 122 -12.57 15.29 1.28
CA ILE A 122 -11.25 15.90 1.58
C ILE A 122 -10.26 14.75 1.79
N LEU A 123 -9.24 14.66 0.94
CA LEU A 123 -8.20 13.60 1.03
C LEU A 123 -7.39 13.82 2.32
N GLN A 124 -7.10 12.73 3.05
CA GLN A 124 -6.37 12.76 4.33
C GLN A 124 -5.23 11.73 4.28
N PRO A 125 -4.02 12.11 3.83
CA PRO A 125 -2.87 11.21 3.89
C PRO A 125 -2.65 10.79 5.35
N PRO A 126 -1.97 9.65 5.61
CA PRO A 126 -1.29 8.86 4.58
C PRO A 126 -2.21 7.95 3.75
N PHE A 127 -1.76 7.57 2.54
CA PHE A 127 -2.49 6.69 1.60
C PHE A 127 -1.73 5.36 1.48
N ARG A 128 -2.38 4.35 0.92
CA ARG A 128 -1.85 2.96 0.85
C ARG A 128 -1.95 2.43 -0.57
N GLU A 129 -0.98 1.58 -0.94
CA GLU A 129 -1.06 0.70 -2.13
C GLU A 129 -1.05 -0.74 -1.61
N VAL A 130 -2.13 -1.48 -1.84
CA VAL A 130 -2.31 -2.89 -1.37
C VAL A 130 -2.05 -3.82 -2.56
N PHE A 131 -1.08 -4.72 -2.41
CA PHE A 131 -0.61 -5.63 -3.48
C PHE A 131 -1.46 -6.90 -3.42
N ILE A 132 -2.68 -6.81 -3.95
CA ILE A 132 -3.69 -7.91 -4.01
C ILE A 132 -3.07 -9.08 -4.79
N LYS A 133 -2.55 -8.77 -5.98
CA LYS A 133 -1.75 -9.71 -6.83
C LYS A 133 -0.51 -8.95 -7.31
N GLY A 134 0.67 -9.39 -6.88
CA GLY A 134 1.95 -8.71 -7.15
C GLY A 134 3.09 -9.71 -7.28
N PRO A 135 4.36 -9.26 -7.26
CA PRO A 135 5.50 -10.16 -7.32
C PRO A 135 5.59 -11.03 -6.05
N GLY A 136 6.04 -12.27 -6.20
CA GLY A 136 6.40 -13.18 -5.09
C GLY A 136 7.82 -12.89 -4.62
N MET A 137 8.26 -13.53 -3.54
CA MET A 137 9.65 -13.39 -3.02
C MET A 137 10.64 -13.86 -4.07
N ILE A 138 10.30 -14.94 -4.79
CA ILE A 138 11.17 -15.61 -5.81
C ILE A 138 10.59 -15.38 -7.20
N LEU A 139 9.31 -15.74 -7.40
CA LEU A 139 8.62 -15.70 -8.72
C LEU A 139 8.04 -14.30 -8.95
N LYS A 140 8.54 -13.61 -9.98
CA LYS A 140 8.14 -12.22 -10.33
C LYS A 140 6.69 -12.20 -10.82
N GLY A 141 6.26 -13.25 -11.53
CA GLY A 141 4.93 -13.34 -12.16
C GLY A 141 4.79 -12.34 -13.30
N ASN A 142 3.57 -12.17 -13.82
CA ASN A 142 3.27 -11.27 -14.98
C ASN A 142 2.84 -9.91 -14.46
N PRO A 143 3.71 -8.86 -14.52
CA PRO A 143 3.33 -7.52 -14.08
C PRO A 143 2.11 -6.90 -14.77
N ASN A 144 1.74 -7.40 -15.96
CA ASN A 144 0.57 -6.91 -16.74
C ASN A 144 -0.74 -7.35 -16.06
N LYS A 145 -0.69 -8.34 -15.15
CA LYS A 145 -1.88 -8.91 -14.46
C LYS A 145 -1.83 -8.58 -12.96
N TYR A 146 -0.88 -7.74 -12.50
CA TYR A 146 -0.80 -7.25 -11.11
C TYR A 146 -2.10 -6.50 -10.77
N ILE A 147 -2.64 -6.74 -9.57
CA ILE A 147 -3.83 -6.06 -9.01
C ILE A 147 -3.38 -5.23 -7.81
N THR A 148 -3.48 -3.90 -7.90
CA THR A 148 -3.05 -2.94 -6.84
C THR A 148 -4.24 -2.07 -6.45
N GLU A 149 -4.67 -2.18 -5.19
CA GLU A 149 -5.77 -1.35 -4.62
C GLU A 149 -5.15 -0.14 -3.93
N VAL A 150 -5.44 1.06 -4.43
CA VAL A 150 -5.08 2.33 -3.76
C VAL A 150 -6.18 2.63 -2.73
N LEU A 151 -5.79 2.87 -1.47
CA LEU A 151 -6.72 3.32 -0.40
C LEU A 151 -6.29 4.72 0.03
N PHE A 152 -7.11 5.72 -0.28
CA PHE A 152 -6.85 7.13 0.11
C PHE A 152 -7.89 7.54 1.14
N PRO A 153 -7.51 7.68 2.42
CA PRO A 153 -8.45 8.08 3.46
C PRO A 153 -9.09 9.44 3.15
N ILE A 154 -10.34 9.60 3.57
CA ILE A 154 -11.10 10.88 3.46
C ILE A 154 -11.56 11.27 4.87
N LYS A 155 -11.81 12.58 5.07
CA LYS A 155 -12.34 13.14 6.34
C LYS A 155 -13.75 12.60 6.56
N GLU A 156 -14.09 12.22 7.79
CA GLU A 156 -15.40 11.65 8.17
C GLU A 156 -16.04 12.53 9.26
#